data_5GGT
#
_entry.id   5GGT
#
_cell.length_a   37.199
_cell.length_b   91.555
_cell.length_c   164.156
_cell.angle_alpha   90.00
_cell.angle_beta   90.00
_cell.angle_gamma   90.00
#
_symmetry.space_group_name_H-M   'P 21 21 21'
#
loop_
_entity.id
_entity.type
_entity.pdbx_description
1 polymer 'Programmed cell death 1 ligand 1'
2 polymer 'IgG H chain'
3 polymer 'IGK@ protein'
#
loop_
_entity_poly.entity_id
_entity_poly.type
_entity_poly.pdbx_seq_one_letter_code
_entity_poly.pdbx_strand_id
1 'polypeptide(L)'
;AFTVTVPKDLYVVEYGSNMTIECKFPVEKQLDLAALIVYWEMEDKNIIQFVHGEEDLKVQHSSYRQRARLLKDQLSLGNA
ALQITDVKLQDAGVYRCMISYGGADYKRITVKVNAPY
;
A
2 'polypeptide(L)'
;QVQLVQSGAEVKKPGSSVKVSCKTSGDTFSTYAISWVRQAPGQGLEWMGGIIPIFGKAHYAQKFQGRVTITADESTSTAY
MELSSLRSEDTAVYFCARKFHFVSGSPFGMDVWGQGTTVTVSSASTKGPSVFPLAPSSKSTSGGTAALGCLVKDYFPEPV
TVSWNSGALTSGVHTFPAVLQSSGLYSLSSVVTVPSSSLGTQTYICNVNHKPSNTKVDKKVEPKSCDKTHHHHHH
;
H
3 'polypeptide(L)'
;EIVLTQSPATLSLSPGERATLSCRASQSVSSYLAWYQQKPGQAPRLLIYDASNRATGIPARFSGSGSGTDFTLTISSLEP
EDFAVYYCQQRSNWPTFGQGTKVEIKRTVAAPSVFIFPPSDEQLKSGTASVVCLLNNFYPREAKVQWKVDNALQSGNSQE
SVTEQDSKDSTYSLSSTLTLSKADYEKHKVYACEVTHQGLSSPVTKSFNRGEC
;
L
#
# COMPACT_ATOMS: atom_id res chain seq x y z
N ALA A 1 0.52 -9.91 33.14
CA ALA A 1 0.45 -9.93 31.67
C ALA A 1 -0.38 -11.12 31.19
N PHE A 2 -0.36 -11.36 29.89
CA PHE A 2 -1.07 -12.52 29.37
C PHE A 2 -0.31 -13.77 29.79
N THR A 3 -1.01 -14.64 30.51
CA THR A 3 -0.40 -15.87 31.00
C THR A 3 -1.33 -17.07 30.86
N VAL A 4 -0.84 -18.07 30.14
CA VAL A 4 -1.53 -19.34 30.00
C VAL A 4 -1.17 -20.22 31.19
N THR A 5 -2.16 -20.92 31.74
CA THR A 5 -1.94 -21.73 32.93
C THR A 5 -2.44 -23.16 32.73
N VAL A 6 -1.71 -24.12 33.29
CA VAL A 6 -2.15 -25.51 33.32
C VAL A 6 -2.44 -25.99 34.74
N PRO A 7 -3.65 -26.50 34.98
CA PRO A 7 -3.98 -27.08 36.29
C PRO A 7 -3.03 -28.22 36.70
N LYS A 8 -2.68 -29.09 35.75
CA LYS A 8 -1.74 -30.20 35.99
C LYS A 8 -0.61 -30.19 34.97
N ASP A 9 0.64 -30.10 35.42
CA ASP A 9 1.75 -30.11 34.48
C ASP A 9 2.27 -31.53 34.25
N LEU A 10 1.68 -32.49 34.96
CA LEU A 10 1.98 -33.90 34.74
C LEU A 10 0.71 -34.75 34.79
N TYR A 11 0.49 -35.53 33.74
CA TYR A 11 -0.65 -36.45 33.69
C TYR A 11 -0.15 -37.88 33.67
N VAL A 12 -0.79 -38.75 34.44
CA VAL A 12 -0.55 -40.17 34.28
C VAL A 12 -1.84 -40.83 33.78
N VAL A 13 -1.77 -41.36 32.57
CA VAL A 13 -2.91 -41.98 31.90
C VAL A 13 -2.52 -43.43 31.66
N GLU A 14 -3.49 -44.29 31.36
CA GLU A 14 -3.03 -45.61 30.96
C GLU A 14 -3.69 -46.10 29.66
N TYR A 15 -3.06 -47.13 29.11
CA TYR A 15 -3.21 -47.54 27.72
C TYR A 15 -4.64 -47.74 27.25
N GLY A 16 -4.92 -47.26 26.05
CA GLY A 16 -6.20 -47.49 25.40
C GLY A 16 -7.35 -46.71 25.99
N SER A 17 -7.03 -45.70 26.80
CA SER A 17 -8.04 -44.87 27.44
C SER A 17 -8.04 -43.47 26.87
N ASN A 18 -9.20 -42.83 26.86
CA ASN A 18 -9.33 -41.46 26.36
C ASN A 18 -8.88 -40.45 27.40
N MET A 19 -7.92 -39.60 27.04
CA MET A 19 -7.40 -38.62 27.98
C MET A 19 -7.67 -37.20 27.52
N THR A 20 -7.68 -36.27 28.47
CA THR A 20 -7.83 -34.86 28.16
C THR A 20 -6.79 -34.03 28.89
N ILE A 21 -6.08 -33.20 28.14
CA ILE A 21 -5.09 -32.30 28.72
C ILE A 21 -5.63 -30.87 28.73
N GLU A 22 -5.77 -30.31 29.93
CA GLU A 22 -6.40 -29.02 30.08
C GLU A 22 -5.42 -27.89 29.97
N CYS A 23 -5.85 -26.80 29.34
CA CYS A 23 -5.08 -25.57 29.29
C CYS A 23 -6.01 -24.38 29.44
N LYS A 24 -5.69 -23.49 30.37
CA LYS A 24 -6.55 -22.35 30.68
C LYS A 24 -5.92 -21.04 30.22
N PHE A 25 -6.74 -20.15 29.67
CA PHE A 25 -6.28 -18.85 29.20
C PHE A 25 -7.30 -17.77 29.55
N PRO A 26 -6.82 -16.55 29.89
CA PRO A 26 -7.72 -15.48 30.35
C PRO A 26 -8.76 -15.03 29.32
N VAL A 27 -10.02 -15.06 29.75
CA VAL A 27 -11.14 -14.59 28.95
C VAL A 27 -12.00 -13.76 29.89
N GLU A 28 -12.46 -12.61 29.42
CA GLU A 28 -13.07 -11.65 30.31
C GLU A 28 -14.60 -11.73 30.30
N LYS A 29 -15.24 -11.32 29.21
CA LYS A 29 -16.69 -11.38 29.14
C LYS A 29 -17.16 -12.43 28.14
N GLN A 30 -17.05 -12.09 26.87
CA GLN A 30 -17.39 -13.01 25.80
C GLN A 30 -16.11 -13.36 25.05
N LEU A 31 -15.98 -14.62 24.66
CA LEU A 31 -14.87 -15.01 23.82
C LEU A 31 -15.01 -14.41 22.43
N ASP A 32 -13.94 -13.81 21.93
CA ASP A 32 -13.91 -13.34 20.55
C ASP A 32 -13.18 -14.42 19.78
N LEU A 33 -13.94 -15.18 19.00
CA LEU A 33 -13.44 -16.41 18.43
C LEU A 33 -12.42 -16.12 17.35
N ALA A 34 -12.58 -14.97 16.71
CA ALA A 34 -11.68 -14.57 15.65
C ALA A 34 -10.29 -14.32 16.21
N ALA A 35 -10.23 -13.83 17.45
CA ALA A 35 -8.97 -13.44 18.06
C ALA A 35 -8.22 -14.63 18.62
N LEU A 36 -8.92 -15.76 18.71
CA LEU A 36 -8.37 -16.95 19.33
C LEU A 36 -7.47 -17.75 18.39
N ILE A 37 -6.29 -18.10 18.91
CA ILE A 37 -5.37 -18.99 18.23
C ILE A 37 -4.90 -20.07 19.21
N VAL A 38 -5.05 -21.34 18.83
CA VAL A 38 -4.62 -22.42 19.71
C VAL A 38 -3.72 -23.43 18.98
N TYR A 39 -2.50 -23.59 19.50
CA TYR A 39 -1.56 -24.60 19.02
C TYR A 39 -1.32 -25.68 20.07
N TRP A 40 -1.66 -26.93 19.75
CA TRP A 40 -1.19 -28.04 20.56
C TRP A 40 -0.09 -28.76 19.78
N GLU A 41 1.14 -28.62 20.27
CA GLU A 41 2.29 -29.28 19.68
C GLU A 41 3.03 -30.08 20.74
N MET A 42 3.11 -31.39 20.52
CA MET A 42 4.02 -32.26 21.24
C MET A 42 5.28 -32.42 20.40
N GLU A 43 6.38 -31.89 20.94
CA GLU A 43 7.71 -32.00 20.36
C GLU A 43 7.67 -31.54 18.91
N ASP A 44 8.31 -32.29 18.01
CA ASP A 44 8.32 -31.88 16.62
C ASP A 44 7.07 -32.29 15.84
N LYS A 45 6.10 -32.89 16.52
CA LYS A 45 4.77 -33.14 15.92
C LYS A 45 3.98 -31.83 15.96
N ASN A 46 2.93 -31.76 15.16
CA ASN A 46 1.87 -30.79 15.38
C ASN A 46 0.54 -31.55 15.50
N ILE A 47 -0.13 -31.38 16.62
CA ILE A 47 -1.41 -32.04 16.89
C ILE A 47 -2.59 -31.19 16.44
N ILE A 48 -2.73 -30.01 17.04
CA ILE A 48 -3.80 -29.09 16.69
C ILE A 48 -3.29 -27.69 16.36
N GLN A 49 -3.67 -27.18 15.19
CA GLN A 49 -3.42 -25.79 14.82
C GLN A 49 -4.75 -25.09 14.57
N PHE A 50 -5.08 -24.15 15.44
CA PHE A 50 -6.41 -23.54 15.43
C PHE A 50 -6.37 -22.02 15.28
N VAL A 51 -6.86 -21.52 14.14
CA VAL A 51 -6.90 -20.09 13.85
C VAL A 51 -8.23 -19.70 13.18
N HIS A 52 -8.85 -18.63 13.64
CA HIS A 52 -10.11 -18.13 13.08
C HIS A 52 -11.26 -19.12 13.16
N GLY A 53 -11.18 -20.05 14.09
CA GLY A 53 -12.25 -21.03 14.25
C GLY A 53 -12.20 -22.21 13.29
N GLU A 54 -11.03 -22.48 12.72
CA GLU A 54 -10.85 -23.64 11.84
C GLU A 54 -9.62 -24.47 12.20
N GLU A 55 -9.66 -25.76 11.92
CA GLU A 55 -8.49 -26.62 12.10
C GLU A 55 -7.79 -26.85 10.77
N ASP A 56 -6.49 -26.58 10.74
CA ASP A 56 -5.70 -26.91 9.56
C ASP A 56 -5.17 -28.32 9.77
N LEU A 57 -5.73 -29.25 9.03
CA LEU A 57 -5.40 -30.65 9.24
C LEU A 57 -4.23 -31.03 8.34
N LYS A 58 -3.88 -30.14 7.43
CA LYS A 58 -2.79 -30.39 6.49
C LYS A 58 -1.46 -30.48 7.23
N VAL A 59 -1.35 -29.73 8.33
CA VAL A 59 -0.14 -29.71 9.15
C VAL A 59 -0.17 -30.64 10.38
N GLN A 60 -1.31 -31.28 10.63
CA GLN A 60 -1.41 -32.23 11.73
C GLN A 60 -0.57 -33.48 11.42
N HIS A 61 0.14 -33.98 12.41
CA HIS A 61 0.93 -35.20 12.22
C HIS A 61 0.03 -36.41 12.06
N SER A 62 0.43 -37.33 11.20
CA SER A 62 -0.41 -38.46 10.81
C SER A 62 -0.66 -39.45 11.95
N SER A 63 0.13 -39.37 13.01
CA SER A 63 -0.05 -40.22 14.20
C SER A 63 -1.40 -39.98 14.85
N TYR A 64 -1.89 -38.77 14.66
CA TYR A 64 -3.10 -38.27 15.32
C TYR A 64 -4.36 -38.39 14.46
N ARG A 65 -4.29 -39.15 13.37
CA ARG A 65 -5.42 -39.31 12.46
C ARG A 65 -6.72 -39.73 13.18
N GLN A 66 -7.72 -38.86 13.04
CA GLN A 66 -9.05 -38.98 13.67
C GLN A 66 -8.95 -39.49 15.13
N ARG A 67 -7.91 -39.01 15.82
CA ARG A 67 -7.60 -39.45 17.18
C ARG A 67 -7.67 -38.27 18.14
N ALA A 68 -6.81 -37.29 17.89
CA ALA A 68 -6.78 -36.07 18.71
C ALA A 68 -7.87 -35.09 18.31
N ARG A 69 -8.37 -34.36 19.30
CA ARG A 69 -9.41 -33.38 19.09
C ARG A 69 -9.31 -32.27 20.14
N LEU A 70 -9.53 -31.03 19.73
CA LEU A 70 -9.63 -29.90 20.67
C LEU A 70 -11.08 -29.70 21.05
N LEU A 71 -11.38 -29.66 22.35
CA LEU A 71 -12.76 -29.54 22.76
C LEU A 71 -13.18 -28.07 22.64
N LYS A 72 -14.20 -27.82 21.82
CA LYS A 72 -14.57 -26.45 21.47
C LYS A 72 -15.42 -25.75 22.54
N ASP A 73 -16.34 -26.48 23.15
CA ASP A 73 -17.34 -25.88 24.02
C ASP A 73 -16.74 -25.33 25.31
N GLN A 74 -15.56 -25.83 25.67
CA GLN A 74 -14.84 -25.34 26.83
C GLN A 74 -14.12 -24.03 26.53
N LEU A 75 -13.92 -23.73 25.25
CA LEU A 75 -13.18 -22.54 24.85
C LEU A 75 -13.80 -21.24 25.33
N SER A 76 -15.13 -21.17 25.31
CA SER A 76 -15.86 -19.99 25.75
C SER A 76 -15.59 -19.68 27.23
N LEU A 77 -15.10 -20.70 27.94
CA LEU A 77 -14.75 -20.60 29.36
C LEU A 77 -13.31 -20.23 29.63
N GLY A 78 -12.50 -20.13 28.57
CA GLY A 78 -11.08 -19.94 28.73
C GLY A 78 -10.39 -21.25 29.09
N ASN A 79 -10.95 -22.35 28.58
CA ASN A 79 -10.30 -23.65 28.71
C ASN A 79 -10.13 -24.28 27.32
N ALA A 80 -8.88 -24.37 26.88
CA ALA A 80 -8.58 -24.98 25.60
C ALA A 80 -7.94 -26.32 25.90
N ALA A 81 -8.69 -27.40 25.68
CA ALA A 81 -8.23 -28.71 26.09
C ALA A 81 -8.19 -29.68 24.92
N LEU A 82 -7.17 -30.53 24.91
CA LEU A 82 -6.98 -31.51 23.85
C LEU A 82 -7.42 -32.89 24.31
N GLN A 83 -8.25 -33.57 23.52
CA GLN A 83 -8.62 -34.95 23.86
C GLN A 83 -8.04 -35.97 22.90
N ILE A 84 -7.06 -36.73 23.38
CA ILE A 84 -6.54 -37.86 22.63
C ILE A 84 -7.36 -39.09 23.01
N THR A 85 -7.97 -39.73 22.00
CA THR A 85 -8.73 -40.95 22.24
C THR A 85 -7.84 -42.16 21.99
N ASP A 86 -8.04 -43.23 22.76
CA ASP A 86 -7.23 -44.44 22.65
C ASP A 86 -5.74 -44.13 22.74
N VAL A 87 -5.29 -43.71 23.92
CA VAL A 87 -3.88 -43.35 24.12
C VAL A 87 -2.97 -44.55 23.98
N LYS A 88 -1.95 -44.41 23.13
CA LYS A 88 -0.98 -45.47 22.96
C LYS A 88 0.31 -45.11 23.70
N LEU A 89 1.28 -46.01 23.68
CA LEU A 89 2.52 -45.82 24.44
C LEU A 89 3.32 -44.65 23.90
N GLN A 90 3.18 -44.40 22.60
CA GLN A 90 3.96 -43.37 21.95
C GLN A 90 3.45 -41.97 22.28
N ASP A 91 2.25 -41.91 22.86
CA ASP A 91 1.64 -40.64 23.23
C ASP A 91 2.31 -40.04 24.48
N ALA A 92 3.08 -40.86 25.18
CA ALA A 92 3.85 -40.37 26.31
C ALA A 92 4.94 -39.44 25.81
N GLY A 93 5.11 -38.33 26.52
CA GLY A 93 6.09 -37.33 26.15
C GLY A 93 5.63 -35.95 26.58
N VAL A 94 6.36 -34.92 26.17
CA VAL A 94 6.04 -33.56 26.57
C VAL A 94 5.15 -32.88 25.54
N TYR A 95 4.02 -32.36 26.01
CA TYR A 95 3.10 -31.63 25.15
C TYR A 95 3.25 -30.13 25.41
N ARG A 96 3.13 -29.32 24.36
CA ARG A 96 3.15 -27.88 24.52
C ARG A 96 1.82 -27.30 24.10
N CYS A 97 1.37 -26.26 24.79
CA CYS A 97 0.13 -25.61 24.43
C CYS A 97 0.32 -24.10 24.27
N MET A 98 0.21 -23.61 23.04
CA MET A 98 0.43 -22.18 22.75
C MET A 98 -0.87 -21.49 22.37
N ILE A 99 -1.21 -20.43 23.09
CA ILE A 99 -2.46 -19.72 22.82
C ILE A 99 -2.24 -18.23 22.56
N SER A 100 -3.00 -17.68 21.61
CA SER A 100 -3.06 -16.23 21.48
C SER A 100 -4.50 -15.75 21.49
N TYR A 101 -4.86 -15.09 22.58
CA TYR A 101 -6.11 -14.39 22.70
C TYR A 101 -5.77 -13.06 23.35
N GLY A 102 -5.92 -11.96 22.61
CA GLY A 102 -5.17 -10.79 23.01
C GLY A 102 -3.71 -11.15 22.78
N GLY A 103 -2.91 -11.14 23.85
CA GLY A 103 -1.52 -11.53 23.75
C GLY A 103 -1.35 -13.03 23.56
N ALA A 104 -0.16 -13.54 23.85
CA ALA A 104 0.12 -14.96 23.64
C ALA A 104 1.05 -15.53 24.71
N ASP A 105 0.88 -16.82 25.03
CA ASP A 105 1.77 -17.54 25.94
C ASP A 105 1.65 -19.05 25.71
N TYR A 106 2.63 -19.82 26.17
CA TYR A 106 2.56 -21.29 26.08
C TYR A 106 2.82 -21.97 27.41
N LYS A 107 2.67 -23.30 27.42
CA LYS A 107 2.91 -24.10 28.61
C LYS A 107 3.31 -25.53 28.24
N ARG A 108 3.88 -26.24 29.21
CA ARG A 108 4.34 -27.60 28.95
C ARG A 108 3.67 -28.59 29.88
N ILE A 109 3.25 -29.71 29.29
CA ILE A 109 2.60 -30.78 30.04
C ILE A 109 3.28 -32.10 29.73
N THR A 110 3.75 -32.79 30.76
CA THR A 110 4.37 -34.11 30.56
C THR A 110 3.32 -35.19 30.77
N VAL A 111 3.25 -36.15 29.85
CA VAL A 111 2.28 -37.23 29.93
C VAL A 111 2.95 -38.60 30.02
N LYS A 112 2.68 -39.32 31.10
CA LYS A 112 3.18 -40.68 31.24
C LYS A 112 2.05 -41.68 31.12
N VAL A 113 2.17 -42.61 30.19
CA VAL A 113 1.22 -43.71 30.07
C VAL A 113 1.77 -44.92 30.80
N ASN A 114 0.98 -45.56 31.66
CA ASN A 114 1.52 -46.74 32.34
C ASN A 114 0.94 -48.02 31.74
N ALA A 115 1.77 -49.05 31.70
CA ALA A 115 1.50 -50.28 30.95
C ALA A 115 0.59 -51.24 31.69
N PRO A 116 -0.20 -52.05 30.95
CA PRO A 116 -1.14 -52.99 31.55
C PRO A 116 -0.46 -54.03 32.45
N VAL B 2 3.28 2.42 21.02
CA VAL B 2 3.86 1.40 20.13
C VAL B 2 4.21 2.01 18.77
N GLN B 3 5.35 1.59 18.21
CA GLN B 3 5.86 2.15 16.96
C GLN B 3 6.53 1.11 16.06
N LEU B 4 6.44 1.33 14.75
CA LEU B 4 7.09 0.46 13.76
C LEU B 4 7.99 1.25 12.82
N VAL B 5 9.16 0.69 12.51
CA VAL B 5 10.13 1.34 11.63
C VAL B 5 10.69 0.33 10.64
N GLN B 6 10.61 0.63 9.35
CA GLN B 6 11.07 -0.32 8.35
C GLN B 6 12.46 0.05 7.81
N SER B 7 12.99 -0.83 6.98
CA SER B 7 14.26 -0.58 6.28
C SER B 7 14.03 0.33 5.07
N GLY B 8 15.09 0.97 4.61
CA GLY B 8 15.00 1.88 3.47
C GLY B 8 14.60 1.18 2.17
N ALA B 9 14.38 1.99 1.14
CA ALA B 9 13.95 1.49 -0.16
C ALA B 9 15.08 0.77 -0.89
N GLU B 10 14.72 -0.16 -1.77
CA GLU B 10 15.71 -0.97 -2.49
C GLU B 10 15.37 -1.20 -3.96
N VAL B 11 16.41 -1.20 -4.79
CA VAL B 11 16.29 -1.57 -6.20
C VAL B 11 16.97 -2.90 -6.42
N LYS B 12 16.21 -3.89 -6.86
CA LYS B 12 16.75 -5.21 -7.13
C LYS B 12 16.40 -5.66 -8.55
N LYS B 13 17.38 -6.26 -9.23
CA LYS B 13 17.18 -6.74 -10.60
C LYS B 13 16.52 -8.13 -10.59
N PRO B 14 15.72 -8.45 -11.63
CA PRO B 14 14.85 -9.63 -11.63
C PRO B 14 15.53 -10.95 -11.26
N GLY B 15 14.79 -11.81 -10.55
CA GLY B 15 15.28 -13.13 -10.18
C GLY B 15 16.12 -13.13 -8.92
N SER B 16 16.60 -11.96 -8.54
CA SER B 16 17.36 -11.83 -7.30
C SER B 16 16.42 -11.91 -6.12
N SER B 17 16.96 -11.70 -4.93
CA SER B 17 16.16 -11.81 -3.73
C SER B 17 16.28 -10.52 -2.91
N VAL B 18 15.28 -10.26 -2.07
CA VAL B 18 15.29 -9.07 -1.21
C VAL B 18 14.77 -9.39 0.19
N LYS B 19 15.36 -8.75 1.20
CA LYS B 19 14.94 -8.92 2.59
C LYS B 19 14.71 -7.56 3.23
N VAL B 20 13.49 -7.33 3.70
CA VAL B 20 13.10 -6.05 4.28
C VAL B 20 13.04 -6.13 5.80
N SER B 21 13.59 -5.12 6.46
CA SER B 21 13.69 -5.08 7.92
C SER B 21 12.60 -4.25 8.56
N CYS B 22 12.12 -4.72 9.71
CA CYS B 22 11.13 -3.98 10.49
C CYS B 22 11.39 -4.09 12.00
N LYS B 23 11.43 -2.97 12.70
CA LYS B 23 11.71 -3.01 14.14
C LYS B 23 10.61 -2.38 14.99
N THR B 24 10.28 -3.04 16.09
CA THR B 24 9.23 -2.57 17.01
C THR B 24 9.83 -1.87 18.24
N SER B 25 9.53 -0.57 18.36
CA SER B 25 10.05 0.27 19.44
C SER B 25 9.04 0.37 20.59
N GLY B 26 7.96 -0.36 20.44
CA GLY B 26 6.73 -0.23 21.21
C GLY B 26 6.51 -1.19 22.37
N ASP B 27 5.30 -1.73 22.36
CA ASP B 27 4.80 -2.75 23.27
C ASP B 27 5.64 -4.02 23.13
N THR B 28 5.21 -5.10 23.76
CA THR B 28 5.91 -6.37 23.60
C THR B 28 6.07 -6.73 22.11
N PHE B 29 7.16 -7.40 21.79
CA PHE B 29 7.41 -7.88 20.42
C PHE B 29 7.00 -9.34 20.26
N SER B 30 7.63 -10.19 21.05
CA SER B 30 7.47 -11.65 20.99
C SER B 30 6.03 -12.14 21.19
N THR B 31 5.23 -11.34 21.89
CA THR B 31 3.86 -11.70 22.23
C THR B 31 2.82 -11.44 21.14
N TYR B 32 2.94 -10.32 20.44
CA TYR B 32 1.93 -9.90 19.47
C TYR B 32 2.33 -10.09 18.00
N ALA B 33 1.36 -10.46 17.19
CA ALA B 33 1.59 -10.71 15.76
C ALA B 33 1.96 -9.44 15.02
N ILE B 34 2.89 -9.60 14.09
CA ILE B 34 3.18 -8.57 13.09
C ILE B 34 2.87 -9.15 11.72
N SER B 35 2.40 -8.31 10.82
CA SER B 35 2.02 -8.76 9.50
C SER B 35 2.80 -7.98 8.44
N TRP B 36 2.82 -8.49 7.22
CA TRP B 36 3.49 -7.81 6.13
C TRP B 36 2.51 -7.56 4.99
N VAL B 37 2.44 -6.33 4.51
CA VAL B 37 1.46 -5.96 3.48
C VAL B 37 2.06 -5.30 2.25
N ARG B 38 1.65 -5.79 1.08
CA ARG B 38 2.12 -5.28 -0.18
C ARG B 38 1.08 -4.36 -0.79
N GLN B 39 1.47 -3.12 -1.07
CA GLN B 39 0.62 -2.22 -1.84
C GLN B 39 1.25 -1.96 -3.20
N ALA B 40 0.66 -2.56 -4.23
CA ALA B 40 1.16 -2.43 -5.59
C ALA B 40 0.80 -1.04 -6.12
N PRO B 41 1.54 -0.55 -7.13
CA PRO B 41 1.29 0.81 -7.62
C PRO B 41 -0.13 0.96 -8.15
N GLY B 42 -0.80 2.04 -7.72
CA GLY B 42 -2.18 2.29 -8.10
C GLY B 42 -3.06 1.09 -7.80
N GLN B 43 -2.78 0.41 -6.69
CA GLN B 43 -3.52 -0.79 -6.33
C GLN B 43 -3.94 -0.81 -4.87
N GLY B 44 -4.68 -1.86 -4.51
CA GLY B 44 -5.14 -2.03 -3.15
C GLY B 44 -4.07 -2.67 -2.30
N LEU B 45 -4.29 -2.67 -0.99
CA LEU B 45 -3.36 -3.29 -0.07
C LEU B 45 -3.57 -4.80 -0.11
N GLU B 46 -2.52 -5.55 0.19
CA GLU B 46 -2.60 -7.00 0.13
C GLU B 46 -1.94 -7.62 1.36
N TRP B 47 -2.67 -8.44 2.09
CA TRP B 47 -2.05 -9.15 3.20
C TRP B 47 -1.22 -10.29 2.68
N MET B 48 0.07 -10.25 2.98
CA MET B 48 1.00 -11.26 2.50
C MET B 48 1.11 -12.40 3.48
N GLY B 49 1.60 -12.08 4.67
CA GLY B 49 1.66 -13.04 5.75
C GLY B 49 1.85 -12.36 7.10
N GLY B 50 1.91 -13.15 8.16
CA GLY B 50 2.15 -12.60 9.48
C GLY B 50 2.74 -13.65 10.40
N ILE B 51 3.36 -13.22 11.50
CA ILE B 51 3.90 -14.16 12.47
C ILE B 51 3.85 -13.64 13.90
N ILE B 52 3.55 -14.53 14.84
CA ILE B 52 3.71 -14.24 16.26
C ILE B 52 5.03 -14.86 16.71
N PRO B 53 6.03 -14.02 16.97
CA PRO B 53 7.44 -14.43 17.13
C PRO B 53 7.69 -15.64 18.04
N ILE B 54 7.02 -15.74 19.18
CA ILE B 54 7.27 -16.87 20.09
C ILE B 54 6.79 -18.20 19.50
N PHE B 55 5.80 -18.15 18.62
CA PHE B 55 5.32 -19.35 17.93
C PHE B 55 6.40 -19.90 17.03
N GLY B 56 7.11 -19.00 16.37
CA GLY B 56 8.28 -19.36 15.60
C GLY B 56 7.99 -19.91 14.21
N LYS B 57 6.73 -19.86 13.78
CA LYS B 57 6.41 -20.09 12.37
C LYS B 57 5.31 -19.15 11.85
N ALA B 58 5.58 -18.56 10.69
CA ALA B 58 4.72 -17.58 10.01
C ALA B 58 3.52 -18.19 9.29
N HIS B 59 2.52 -17.36 9.01
CA HIS B 59 1.39 -17.75 8.15
C HIS B 59 1.35 -16.91 6.89
N TYR B 60 1.14 -17.54 5.73
CA TYR B 60 1.18 -16.83 4.46
C TYR B 60 -0.14 -16.92 3.68
N ALA B 61 -0.41 -15.90 2.86
CA ALA B 61 -1.54 -15.96 1.93
C ALA B 61 -1.18 -16.90 0.78
N GLN B 62 -2.19 -17.57 0.23
CA GLN B 62 -1.94 -18.60 -0.79
C GLN B 62 -1.29 -18.05 -2.06
N LYS B 63 -1.38 -16.73 -2.25
CA LYS B 63 -0.76 -16.06 -3.40
C LYS B 63 0.74 -15.95 -3.20
N PHE B 64 1.12 -15.64 -1.96
CA PHE B 64 2.52 -15.44 -1.61
C PHE B 64 3.17 -16.69 -0.99
N GLN B 65 2.43 -17.78 -1.00
CA GLN B 65 2.83 -19.04 -0.34
C GLN B 65 4.28 -19.46 -0.62
N GLY B 66 4.64 -19.48 -1.90
CA GLY B 66 5.97 -19.90 -2.30
C GLY B 66 7.15 -18.97 -2.02
N ARG B 67 7.05 -17.73 -2.52
CA ARG B 67 8.21 -16.84 -2.55
C ARG B 67 8.47 -16.09 -1.25
N VAL B 68 7.46 -15.97 -0.40
CA VAL B 68 7.60 -15.16 0.80
C VAL B 68 8.12 -15.97 1.97
N THR B 69 9.11 -15.42 2.66
CA THR B 69 9.58 -16.00 3.92
C THR B 69 9.54 -14.94 5.01
N ILE B 70 8.77 -15.22 6.06
CA ILE B 70 8.65 -14.29 7.16
C ILE B 70 9.31 -14.85 8.42
N THR B 71 10.26 -14.11 8.97
CA THR B 71 11.00 -14.55 10.14
C THR B 71 11.02 -13.47 11.21
N ALA B 72 10.86 -13.87 12.47
CA ALA B 72 10.85 -12.93 13.58
C ALA B 72 12.04 -13.15 14.51
N ASP B 73 12.84 -12.11 14.69
CA ASP B 73 13.97 -12.20 15.60
C ASP B 73 13.59 -11.53 16.91
N GLU B 74 13.38 -12.36 17.95
CA GLU B 74 12.89 -11.87 19.24
C GLU B 74 14.02 -11.21 20.00
N SER B 75 15.23 -11.64 19.70
CA SER B 75 16.44 -11.09 20.29
C SER B 75 16.52 -9.59 20.03
N THR B 76 16.29 -9.19 18.79
CA THR B 76 16.40 -7.78 18.44
C THR B 76 15.05 -7.06 18.47
N SER B 77 13.97 -7.83 18.57
CA SER B 77 12.61 -7.36 18.33
C SER B 77 12.45 -6.85 16.90
N THR B 78 13.19 -7.47 15.99
CA THR B 78 13.11 -7.15 14.58
C THR B 78 12.45 -8.27 13.77
N ALA B 79 11.57 -7.85 12.85
CA ALA B 79 10.91 -8.76 11.92
C ALA B 79 11.48 -8.59 10.52
N TYR B 80 11.46 -9.68 9.77
CA TYR B 80 11.99 -9.67 8.41
C TYR B 80 10.99 -10.27 7.44
N MET B 81 11.04 -9.81 6.20
CA MET B 81 10.23 -10.40 5.15
C MET B 81 11.09 -10.57 3.92
N GLU B 82 11.27 -11.80 3.48
CA GLU B 82 12.15 -12.08 2.36
C GLU B 82 11.37 -12.50 1.13
N LEU B 83 11.56 -11.76 0.04
CA LEU B 83 10.89 -12.07 -1.22
C LEU B 83 11.86 -12.74 -2.20
N SER B 84 11.67 -14.04 -2.41
CA SER B 84 12.49 -14.81 -3.33
C SER B 84 12.01 -14.64 -4.77
N SER B 85 12.91 -14.86 -5.73
CA SER B 85 12.56 -14.88 -7.15
C SER B 85 11.86 -13.61 -7.57
N LEU B 86 12.60 -12.51 -7.56
CA LEU B 86 12.02 -11.21 -7.85
C LEU B 86 11.69 -11.01 -9.31
N ARG B 87 10.51 -10.45 -9.53
CA ARG B 87 10.03 -10.13 -10.86
C ARG B 87 9.36 -8.77 -10.92
N SER B 88 9.78 -7.94 -11.87
CA SER B 88 8.81 -7.19 -12.64
C SER B 88 7.76 -6.51 -11.75
N GLU B 89 6.52 -7.00 -11.82
CA GLU B 89 5.38 -6.61 -10.95
C GLU B 89 5.43 -6.86 -9.44
N ASP B 90 6.50 -7.47 -8.93
CA ASP B 90 6.73 -7.45 -7.48
C ASP B 90 7.00 -6.04 -6.94
N THR B 91 7.24 -5.10 -7.84
CA THR B 91 7.46 -3.71 -7.47
C THR B 91 6.23 -3.17 -6.78
N ALA B 92 6.41 -2.73 -5.53
CA ALA B 92 5.31 -2.25 -4.70
C ALA B 92 5.81 -1.57 -3.43
N VAL B 93 4.88 -1.07 -2.63
CA VAL B 93 5.21 -0.46 -1.35
C VAL B 93 4.90 -1.44 -0.23
N TYR B 94 5.94 -1.98 0.38
CA TYR B 94 5.77 -3.07 1.33
C TYR B 94 5.75 -2.56 2.77
N PHE B 95 4.68 -2.90 3.48
CA PHE B 95 4.47 -2.46 4.86
C PHE B 95 4.50 -3.62 5.85
N CYS B 96 4.84 -3.30 7.10
CA CYS B 96 4.68 -4.22 8.21
C CYS B 96 3.74 -3.58 9.20
N ALA B 97 2.80 -4.34 9.75
CA ALA B 97 1.82 -3.71 10.62
C ALA B 97 1.45 -4.54 11.85
N ARG B 98 0.98 -3.84 12.86
CA ARG B 98 0.61 -4.47 14.13
C ARG B 98 -0.78 -4.02 14.54
N LYS B 99 -1.51 -4.92 15.19
CA LYS B 99 -2.87 -4.63 15.65
C LYS B 99 -2.90 -3.85 16.98
N PHE B 100 -3.89 -2.98 17.12
CA PHE B 100 -4.19 -2.41 18.44
C PHE B 100 -4.90 -3.46 19.27
N HIS B 101 -4.51 -3.59 20.54
CA HIS B 101 -5.04 -4.64 21.40
C HIS B 101 -6.54 -4.52 21.65
N PHE B 102 -7.10 -3.35 21.36
CA PHE B 102 -8.52 -3.10 21.63
C PHE B 102 -9.49 -3.24 20.43
N VAL B 103 -8.95 -3.50 19.24
CA VAL B 103 -9.79 -3.47 18.03
C VAL B 103 -10.43 -4.84 17.80
N SER B 104 -9.95 -5.81 18.57
CA SER B 104 -10.37 -7.21 18.49
C SER B 104 -10.30 -7.78 17.08
N GLY B 105 -11.23 -8.67 16.75
CA GLY B 105 -11.10 -9.43 15.53
C GLY B 105 -9.81 -10.22 15.45
N SER B 106 -9.36 -10.48 14.22
CA SER B 106 -8.18 -11.30 13.97
C SER B 106 -6.90 -10.71 14.58
N PRO B 107 -6.02 -11.59 15.07
CA PRO B 107 -4.71 -11.21 15.60
C PRO B 107 -3.79 -10.60 14.53
N PHE B 108 -4.13 -10.82 13.27
CA PHE B 108 -3.33 -10.30 12.16
C PHE B 108 -3.83 -8.99 11.60
N GLY B 109 -4.87 -8.43 12.22
CA GLY B 109 -5.38 -7.13 11.85
C GLY B 109 -4.28 -6.08 11.87
N MET B 110 -4.39 -5.09 10.98
CA MET B 110 -3.35 -4.09 10.84
C MET B 110 -3.82 -2.70 11.23
N ASP B 111 -3.13 -2.09 12.18
CA ASP B 111 -3.52 -0.80 12.69
C ASP B 111 -2.33 0.16 12.72
N VAL B 112 -1.31 -0.22 13.48
CA VAL B 112 -0.03 0.51 13.51
C VAL B 112 0.84 0.07 12.33
N TRP B 113 1.30 1.01 11.51
CA TRP B 113 2.06 0.65 10.32
C TRP B 113 3.49 1.17 10.34
N GLY B 114 4.37 0.48 9.62
CA GLY B 114 5.70 1.00 9.36
C GLY B 114 5.60 2.09 8.31
N GLN B 115 6.66 2.88 8.16
CA GLN B 115 6.62 4.02 7.24
C GLN B 115 6.65 3.58 5.78
N GLY B 116 6.86 2.28 5.57
CA GLY B 116 6.80 1.70 4.24
C GLY B 116 8.15 1.51 3.60
N THR B 117 8.24 0.46 2.80
CA THR B 117 9.45 0.13 2.05
C THR B 117 9.12 0.07 0.57
N THR B 118 9.84 0.84 -0.24
CA THR B 118 9.62 0.81 -1.67
C THR B 118 10.62 -0.11 -2.36
N VAL B 119 10.10 -1.09 -3.09
CA VAL B 119 10.93 -2.04 -3.79
C VAL B 119 10.72 -1.89 -5.29
N THR B 120 11.81 -1.67 -6.02
CA THR B 120 11.72 -1.58 -7.47
C THR B 120 12.45 -2.75 -8.11
N VAL B 121 11.76 -3.44 -9.02
CA VAL B 121 12.38 -4.55 -9.72
C VAL B 121 12.52 -4.23 -11.20
N SER B 122 13.75 -4.02 -11.64
CA SER B 122 14.02 -3.74 -13.04
C SER B 122 15.43 -4.12 -13.45
N SER B 123 15.61 -4.37 -14.74
CA SER B 123 16.91 -4.71 -15.28
C SER B 123 17.75 -3.48 -15.59
N ALA B 124 17.07 -2.34 -15.72
CA ALA B 124 17.73 -1.08 -16.05
C ALA B 124 18.78 -0.71 -15.01
N SER B 125 19.86 -0.09 -15.47
CA SER B 125 20.94 0.29 -14.58
C SER B 125 20.69 1.66 -13.96
N THR B 126 21.59 2.08 -13.08
CA THR B 126 21.45 3.40 -12.47
C THR B 126 21.97 4.45 -13.43
N LYS B 127 21.10 5.35 -13.87
CA LYS B 127 21.51 6.41 -14.80
C LYS B 127 20.85 7.74 -14.48
N GLY B 128 21.66 8.79 -14.40
CA GLY B 128 21.15 10.13 -14.16
C GLY B 128 20.36 10.67 -15.34
N PRO B 129 19.54 11.70 -15.10
CA PRO B 129 18.69 12.27 -16.14
C PRO B 129 19.43 13.19 -17.08
N SER B 130 18.89 13.37 -18.28
CA SER B 130 19.30 14.46 -19.14
C SER B 130 18.24 15.55 -18.96
N VAL B 131 18.64 16.81 -18.87
CA VAL B 131 17.63 17.85 -18.70
C VAL B 131 17.61 18.84 -19.85
N PHE B 132 16.41 19.12 -20.35
CA PHE B 132 16.19 19.98 -21.48
C PHE B 132 15.20 21.12 -21.14
N PRO B 133 15.52 22.36 -21.55
CA PRO B 133 14.59 23.47 -21.32
C PRO B 133 13.41 23.48 -22.28
N LEU B 134 12.39 24.23 -21.89
CA LEU B 134 11.20 24.44 -22.70
C LEU B 134 11.01 25.92 -23.01
N ALA B 135 11.09 26.26 -24.29
CA ALA B 135 10.95 27.63 -24.76
C ALA B 135 9.60 28.22 -24.35
N PRO B 136 9.63 29.31 -23.56
CA PRO B 136 8.43 29.88 -22.94
C PRO B 136 7.30 30.19 -23.93
N SER B 137 6.11 29.67 -23.64
CA SER B 137 4.90 29.82 -24.45
C SER B 137 5.16 29.99 -25.95
N GLY B 144 0.73 37.81 -22.00
CA GLY B 144 0.17 38.09 -20.69
C GLY B 144 0.68 37.14 -19.62
N THR B 145 0.31 35.87 -19.77
CA THR B 145 0.80 34.82 -18.88
C THR B 145 1.57 33.77 -19.67
N ALA B 146 2.86 33.62 -19.36
CA ALA B 146 3.68 32.66 -20.06
C ALA B 146 3.78 31.35 -19.29
N ALA B 147 4.46 30.37 -19.89
CA ALA B 147 4.74 29.12 -19.19
C ALA B 147 6.13 28.62 -19.53
N LEU B 148 6.82 28.18 -18.50
CA LEU B 148 8.20 27.76 -18.58
C LEU B 148 8.26 26.31 -18.13
N GLY B 149 9.35 25.63 -18.45
CA GLY B 149 9.48 24.26 -18.00
C GLY B 149 10.75 23.56 -18.44
N CYS B 150 10.95 22.36 -17.90
CA CYS B 150 12.06 21.51 -18.30
C CYS B 150 11.71 20.04 -18.38
N LEU B 151 12.31 19.40 -19.39
CA LEU B 151 12.10 18.00 -19.63
C LEU B 151 13.19 17.19 -18.94
N VAL B 152 12.80 16.38 -17.96
CA VAL B 152 13.75 15.50 -17.29
C VAL B 152 13.59 14.11 -17.88
N LYS B 153 14.56 13.70 -18.69
CA LYS B 153 14.36 12.57 -19.56
C LYS B 153 15.38 11.47 -19.32
N ASP B 154 14.88 10.23 -19.35
CA ASP B 154 15.72 9.02 -19.29
C ASP B 154 16.58 8.90 -18.03
N TYR B 155 15.93 8.67 -16.89
CA TYR B 155 16.64 8.46 -15.64
C TYR B 155 16.16 7.21 -14.90
N PHE B 156 17.09 6.52 -14.27
CA PHE B 156 16.74 5.38 -13.40
C PHE B 156 17.68 5.31 -12.20
N PRO B 157 17.13 4.95 -11.04
CA PRO B 157 15.71 4.75 -10.75
C PRO B 157 15.05 6.01 -10.22
N GLU B 158 13.78 5.89 -9.84
CA GLU B 158 13.06 6.94 -9.13
C GLU B 158 13.66 7.19 -7.74
N PRO B 159 13.41 8.38 -7.15
CA PRO B 159 12.74 9.55 -7.72
C PRO B 159 13.71 10.58 -8.26
N VAL B 160 13.13 11.63 -8.83
CA VAL B 160 13.90 12.81 -9.16
C VAL B 160 13.16 14.02 -8.62
N THR B 161 13.87 14.81 -7.83
CA THR B 161 13.33 16.04 -7.29
C THR B 161 13.66 17.20 -8.21
N VAL B 162 12.69 18.09 -8.40
CA VAL B 162 12.94 19.29 -9.20
C VAL B 162 12.67 20.55 -8.39
N SER B 163 13.64 21.44 -8.38
CA SER B 163 13.56 22.72 -7.67
C SER B 163 13.89 23.84 -8.64
N TRP B 164 13.15 24.95 -8.66
CA TRP B 164 13.37 25.84 -9.79
C TRP B 164 14.49 26.85 -9.59
N ASN B 165 14.27 27.95 -8.89
CA ASN B 165 15.43 28.82 -8.71
C ASN B 165 15.95 28.51 -7.35
N SER B 166 16.91 27.58 -7.34
CA SER B 166 17.51 27.05 -6.12
C SER B 166 16.48 26.84 -4.99
N GLY B 167 15.22 26.59 -5.35
CA GLY B 167 14.14 26.51 -4.39
C GLY B 167 13.36 27.78 -4.09
N ALA B 168 13.67 28.88 -4.77
CA ALA B 168 13.04 30.17 -4.47
C ALA B 168 11.65 30.37 -5.08
N LEU B 169 11.47 29.91 -6.32
CA LEU B 169 10.26 30.21 -7.08
C LEU B 169 9.00 29.65 -6.43
N THR B 170 8.96 28.34 -6.18
CA THR B 170 7.79 27.71 -5.58
C THR B 170 6.55 27.98 -6.43
N SER B 171 5.73 28.94 -6.01
CA SER B 171 4.39 29.15 -6.56
C SER B 171 4.25 29.12 -8.08
N GLY B 172 3.25 28.36 -8.53
CA GLY B 172 2.92 28.28 -9.94
C GLY B 172 3.62 27.15 -10.67
N VAL B 173 4.34 26.32 -9.93
CA VAL B 173 5.14 25.24 -10.54
C VAL B 173 4.45 23.88 -10.44
N HIS B 174 4.48 23.14 -11.54
CA HIS B 174 3.99 21.77 -11.56
C HIS B 174 5.08 20.80 -12.00
N THR B 175 5.36 19.82 -11.15
CA THR B 175 6.20 18.69 -11.54
C THR B 175 5.32 17.45 -11.67
N PHE B 176 5.14 16.99 -12.91
CA PHE B 176 4.23 15.89 -13.18
C PHE B 176 4.80 14.56 -12.73
N PRO B 177 3.93 13.64 -12.30
CA PRO B 177 4.39 12.31 -11.91
C PRO B 177 5.23 11.69 -13.00
N ALA B 178 6.26 10.94 -12.63
CA ALA B 178 7.13 10.30 -13.59
C ALA B 178 6.35 9.33 -14.48
N VAL B 179 6.79 9.22 -15.73
CA VAL B 179 6.19 8.26 -16.65
C VAL B 179 7.26 7.28 -17.12
N LEU B 180 7.00 5.99 -16.92
CA LEU B 180 8.01 4.99 -17.25
C LEU B 180 7.94 4.57 -18.71
N GLN B 181 9.00 4.88 -19.44
CA GLN B 181 9.08 4.58 -20.86
C GLN B 181 9.34 3.10 -21.12
N SER B 182 9.05 2.69 -22.36
CA SER B 182 9.28 1.34 -22.82
C SER B 182 10.73 0.90 -22.57
N SER B 183 11.66 1.85 -22.67
CA SER B 183 13.08 1.60 -22.43
C SER B 183 13.38 1.03 -21.04
N GLY B 184 12.45 1.21 -20.12
CA GLY B 184 12.66 0.83 -18.73
C GLY B 184 13.25 2.01 -17.97
N LEU B 185 13.50 3.09 -18.68
CA LEU B 185 13.97 4.32 -18.06
C LEU B 185 12.81 5.28 -17.86
N TYR B 186 12.83 6.00 -16.73
CA TYR B 186 11.80 6.99 -16.40
C TYR B 186 12.08 8.34 -17.04
N SER B 187 11.01 9.04 -17.40
CA SER B 187 11.10 10.39 -17.93
C SER B 187 10.06 11.25 -17.21
N LEU B 188 10.28 12.56 -17.19
CA LEU B 188 9.45 13.42 -16.37
C LEU B 188 9.49 14.87 -16.84
N SER B 189 8.48 15.65 -16.47
CA SER B 189 8.43 17.04 -16.89
C SER B 189 7.98 17.97 -15.77
N SER B 190 8.75 19.05 -15.56
CA SER B 190 8.38 20.09 -14.61
C SER B 190 8.11 21.41 -15.31
N VAL B 191 7.02 22.07 -14.91
CA VAL B 191 6.58 23.29 -15.58
C VAL B 191 6.21 24.38 -14.57
N VAL B 192 6.55 25.62 -14.91
CA VAL B 192 6.20 26.76 -14.08
C VAL B 192 5.46 27.81 -14.90
N THR B 193 4.40 28.36 -14.32
CA THR B 193 3.66 29.44 -14.97
C THR B 193 4.00 30.80 -14.36
N VAL B 194 4.61 31.67 -15.16
CA VAL B 194 4.96 33.02 -14.73
C VAL B 194 4.40 34.06 -15.68
N PRO B 195 4.20 35.30 -15.20
CA PRO B 195 3.74 36.38 -16.08
C PRO B 195 4.70 36.62 -17.25
N SER B 196 4.16 36.98 -18.40
CA SER B 196 4.92 37.17 -19.63
C SER B 196 6.08 38.15 -19.45
N SER B 197 5.78 39.30 -18.86
CA SER B 197 6.75 40.39 -18.67
C SER B 197 8.01 39.96 -17.91
N SER B 198 7.87 38.93 -17.07
CA SER B 198 8.95 38.47 -16.20
C SER B 198 10.10 37.80 -16.94
N LEU B 199 9.93 37.56 -18.24
CA LEU B 199 10.93 36.87 -19.04
C LEU B 199 12.22 37.70 -19.18
N GLY B 200 12.10 38.94 -19.62
CA GLY B 200 13.25 39.80 -19.80
C GLY B 200 13.90 40.17 -18.49
N THR B 201 13.11 40.19 -17.42
CA THR B 201 13.56 40.67 -16.12
C THR B 201 14.24 39.57 -15.29
N GLN B 202 13.42 38.66 -14.76
CA GLN B 202 13.87 37.69 -13.77
C GLN B 202 14.47 36.44 -14.41
N THR B 203 15.60 36.01 -13.87
CA THR B 203 16.27 34.81 -14.39
C THR B 203 15.52 33.57 -13.93
N TYR B 204 15.31 32.64 -14.87
CA TYR B 204 14.71 31.36 -14.55
C TYR B 204 15.70 30.25 -14.81
N ILE B 205 16.05 29.54 -13.75
CA ILE B 205 16.93 28.39 -13.86
C ILE B 205 16.19 27.20 -13.25
N CYS B 206 16.45 25.99 -13.73
CA CYS B 206 15.82 24.80 -13.15
C CYS B 206 16.75 23.72 -12.57
N ASN B 207 16.73 23.60 -11.24
CA ASN B 207 17.53 22.62 -10.49
C ASN B 207 16.94 21.22 -10.48
N VAL B 208 17.69 20.25 -10.99
CA VAL B 208 17.25 18.87 -10.97
C VAL B 208 18.21 18.03 -10.12
N ASN B 209 17.66 17.14 -9.30
CA ASN B 209 18.49 16.31 -8.44
C ASN B 209 18.14 14.83 -8.58
N HIS B 210 19.14 14.02 -8.87
CA HIS B 210 18.94 12.57 -8.86
C HIS B 210 19.75 11.97 -7.73
N LYS B 211 19.08 11.59 -6.66
CA LYS B 211 19.76 11.03 -5.50
C LYS B 211 20.39 9.66 -5.77
N PRO B 212 19.65 8.74 -6.43
CA PRO B 212 20.24 7.41 -6.69
C PRO B 212 21.55 7.42 -7.48
N SER B 213 21.67 8.32 -8.44
CA SER B 213 22.88 8.41 -9.26
C SER B 213 23.84 9.49 -8.77
N ASN B 214 23.43 10.19 -7.72
CA ASN B 214 24.17 11.37 -7.24
C ASN B 214 24.41 12.36 -8.38
N THR B 215 23.32 12.73 -9.04
CA THR B 215 23.40 13.68 -10.13
C THR B 215 22.63 14.95 -9.78
N LYS B 216 23.36 16.06 -9.78
CA LYS B 216 22.76 17.37 -9.59
C LYS B 216 22.91 18.16 -10.88
N VAL B 217 21.77 18.47 -11.49
CA VAL B 217 21.75 19.15 -12.79
C VAL B 217 21.23 20.58 -12.68
N ASP B 218 21.82 21.52 -13.43
CA ASP B 218 21.16 22.81 -13.55
C ASP B 218 21.05 23.32 -14.98
N LYS B 219 19.86 23.83 -15.26
CA LYS B 219 19.41 24.21 -16.60
C LYS B 219 18.82 25.61 -16.63
N LYS B 220 19.43 26.52 -17.38
CA LYS B 220 18.84 27.84 -17.58
C LYS B 220 17.82 27.71 -18.70
N VAL B 221 16.63 28.26 -18.49
CA VAL B 221 15.58 28.18 -19.50
C VAL B 221 15.37 29.57 -20.08
N GLU B 222 15.45 29.67 -21.40
CA GLU B 222 15.45 30.97 -22.09
C GLU B 222 14.56 30.93 -23.33
N PRO B 223 14.15 32.10 -23.83
CA PRO B 223 13.45 32.19 -25.12
C PRO B 223 14.33 31.76 -26.30
N GLU C 1 -10.67 -16.25 1.16
CA GLU C 1 -10.72 -14.81 0.97
C GLU C 1 -12.14 -14.28 1.08
N ILE C 2 -12.33 -13.27 1.92
CA ILE C 2 -13.56 -12.49 1.89
C ILE C 2 -13.31 -11.25 1.05
N VAL C 3 -14.23 -10.93 0.16
CA VAL C 3 -14.01 -9.85 -0.78
C VAL C 3 -14.78 -8.60 -0.38
N LEU C 4 -14.05 -7.48 -0.31
CA LEU C 4 -14.66 -6.20 0.03
C LEU C 4 -14.78 -5.31 -1.22
N THR C 5 -16.02 -4.95 -1.52
CA THR C 5 -16.29 -4.07 -2.65
C THR C 5 -16.63 -2.68 -2.16
N GLN C 6 -15.73 -1.74 -2.38
CA GLN C 6 -16.01 -0.37 -1.99
C GLN C 6 -16.73 0.35 -3.11
N SER C 7 -17.68 1.21 -2.75
CA SER C 7 -18.37 2.03 -3.74
C SER C 7 -18.67 3.43 -3.20
N PRO C 8 -18.59 4.45 -4.07
CA PRO C 8 -18.13 4.33 -5.45
C PRO C 8 -16.61 4.29 -5.53
N ALA C 9 -16.07 4.19 -6.74
CA ALA C 9 -14.63 4.24 -6.91
C ALA C 9 -14.12 5.65 -6.61
N THR C 10 -14.76 6.66 -7.22
CA THR C 10 -14.37 8.05 -7.02
C THR C 10 -15.55 8.93 -6.60
N LEU C 11 -15.42 9.49 -5.40
CA LEU C 11 -16.42 10.39 -4.85
C LEU C 11 -15.90 11.82 -4.97
N SER C 12 -16.60 12.67 -5.71
CA SER C 12 -16.14 14.04 -5.86
C SER C 12 -17.09 15.04 -5.21
N LEU C 13 -16.65 15.65 -4.11
CA LEU C 13 -17.45 16.61 -3.37
C LEU C 13 -16.65 17.84 -2.98
N SER C 14 -17.31 18.78 -2.32
CA SER C 14 -16.67 20.04 -1.90
C SER C 14 -16.78 20.23 -0.39
N PRO C 15 -15.94 21.10 0.19
CA PRO C 15 -16.02 21.37 1.63
C PRO C 15 -17.43 21.75 2.11
N GLY C 16 -17.87 21.15 3.20
CA GLY C 16 -19.15 21.47 3.80
C GLY C 16 -20.22 20.44 3.49
N GLU C 17 -20.03 19.71 2.40
CA GLU C 17 -20.95 18.65 2.02
C GLU C 17 -20.65 17.36 2.80
N ARG C 18 -21.69 16.56 3.06
CA ARG C 18 -21.52 15.25 3.68
C ARG C 18 -20.99 14.25 2.64
N ALA C 19 -20.31 13.20 3.11
CA ALA C 19 -19.77 12.17 2.23
C ALA C 19 -20.18 10.77 2.70
N THR C 20 -20.46 9.87 1.76
CA THR C 20 -20.88 8.51 2.11
C THR C 20 -20.10 7.45 1.34
N LEU C 21 -19.38 6.61 2.07
CA LEU C 21 -18.57 5.56 1.47
C LEU C 21 -19.04 4.19 1.89
N SER C 22 -19.36 3.35 0.92
CA SER C 22 -19.91 2.04 1.20
C SER C 22 -18.88 0.93 1.05
N CYS C 23 -19.04 -0.10 1.87
CA CYS C 23 -18.28 -1.33 1.73
C CYS C 23 -19.18 -2.54 1.95
N ARG C 24 -19.21 -3.45 0.99
CA ARG C 24 -19.92 -4.71 1.17
C ARG C 24 -18.93 -5.87 1.23
N ALA C 25 -19.28 -6.90 1.99
CA ALA C 25 -18.45 -8.09 2.11
C ALA C 25 -19.14 -9.29 1.48
N SER C 26 -18.36 -10.14 0.79
CA SER C 26 -18.91 -11.31 0.13
C SER C 26 -19.48 -12.34 1.12
N GLN C 27 -19.10 -12.22 2.38
CA GLN C 27 -19.63 -13.07 3.44
C GLN C 27 -19.95 -12.23 4.67
N SER C 28 -20.35 -12.88 5.75
CA SER C 28 -20.60 -12.13 6.97
C SER C 28 -19.31 -11.97 7.78
N VAL C 29 -18.89 -10.73 7.95
CA VAL C 29 -17.73 -10.41 8.78
C VAL C 29 -18.15 -9.98 10.19
N SER C 30 -19.45 -10.05 10.46
CA SER C 30 -20.03 -9.54 11.70
C SER C 30 -19.66 -8.07 11.86
N SER C 31 -19.20 -7.70 13.05
CA SER C 31 -18.78 -6.32 13.30
C SER C 31 -17.27 -6.09 13.18
N TYR C 32 -16.51 -7.07 12.70
CA TYR C 32 -15.08 -6.85 12.66
C TYR C 32 -14.75 -6.14 11.37
N LEU C 33 -14.53 -4.83 11.49
CA LEU C 33 -14.21 -3.99 10.33
C LEU C 33 -13.49 -2.73 10.80
N ALA C 34 -12.66 -2.18 9.94
CA ALA C 34 -11.93 -0.97 10.26
C ALA C 34 -11.74 -0.11 9.02
N TRP C 35 -11.89 1.21 9.18
CA TRP C 35 -11.69 2.14 8.08
C TRP C 35 -10.34 2.85 8.21
N TYR C 36 -9.68 3.09 7.08
CA TYR C 36 -8.38 3.74 7.08
C TYR C 36 -8.35 4.88 6.06
N GLN C 37 -7.58 5.92 6.36
CA GLN C 37 -7.45 7.09 5.50
C GLN C 37 -6.00 7.24 5.03
N GLN C 38 -5.75 7.07 3.73
CA GLN C 38 -4.38 6.99 3.28
C GLN C 38 -4.16 8.24 2.41
N LYS C 39 -3.32 9.19 2.82
CA LYS C 39 -2.97 10.27 1.89
C LYS C 39 -1.77 9.78 1.08
N PRO C 40 -1.64 10.24 -0.16
CA PRO C 40 -0.53 9.85 -1.02
C PRO C 40 0.82 10.03 -0.34
N GLY C 41 1.67 9.02 -0.42
CA GLY C 41 3.00 9.06 0.18
C GLY C 41 3.02 8.65 1.64
N GLN C 42 1.89 8.16 2.13
CA GLN C 42 1.77 7.84 3.55
C GLN C 42 1.12 6.49 3.82
N ALA C 43 1.26 6.02 5.05
CA ALA C 43 0.66 4.76 5.47
C ALA C 43 -0.75 5.00 6.02
N PRO C 44 -1.63 3.99 5.89
CA PRO C 44 -3.03 4.13 6.33
C PRO C 44 -3.18 4.55 7.78
N ARG C 45 -4.27 5.22 8.12
CA ARG C 45 -4.54 5.66 9.50
C ARG C 45 -5.94 5.23 9.93
N LEU C 46 -6.04 4.48 11.03
CA LEU C 46 -7.32 3.93 11.47
C LEU C 46 -8.30 5.01 11.92
N LEU C 47 -9.50 4.99 11.34
CA LEU C 47 -10.54 5.96 11.64
C LEU C 47 -11.59 5.35 12.54
N ILE C 48 -12.27 4.33 12.02
CA ILE C 48 -13.35 3.63 12.71
C ILE C 48 -12.99 2.16 12.93
N TYR C 49 -13.04 1.70 14.18
CA TYR C 49 -12.73 0.30 14.49
C TYR C 49 -13.95 -0.40 15.07
N ASP C 50 -14.00 -1.72 14.93
CA ASP C 50 -15.13 -2.54 15.38
C ASP C 50 -16.42 -2.08 14.71
N ALA C 51 -16.21 -1.40 13.59
CA ALA C 51 -17.19 -0.95 12.61
C ALA C 51 -18.09 0.22 13.03
N SER C 52 -18.35 0.41 14.33
CA SER C 52 -18.97 1.66 14.78
C SER C 52 -18.10 2.59 15.63
N ASN C 53 -16.92 2.15 16.03
CA ASN C 53 -16.20 2.86 17.08
C ASN C 53 -15.07 3.75 16.57
N ARG C 54 -15.17 5.03 16.88
CA ARG C 54 -14.18 6.00 16.40
C ARG C 54 -12.94 6.03 17.29
N ALA C 55 -11.77 5.97 16.66
CA ALA C 55 -10.51 6.05 17.38
C ALA C 55 -10.30 7.45 17.95
N THR C 56 -9.73 7.53 19.14
CA THR C 56 -9.43 8.81 19.75
C THR C 56 -8.35 9.53 18.95
N GLY C 57 -8.48 10.85 18.85
CA GLY C 57 -7.56 11.64 18.04
C GLY C 57 -8.16 11.85 16.67
N ILE C 58 -9.30 11.20 16.43
CA ILE C 58 -10.01 11.33 15.16
C ILE C 58 -11.28 12.15 15.33
N PRO C 59 -11.44 13.19 14.50
CA PRO C 59 -12.54 14.17 14.53
C PRO C 59 -13.92 13.52 14.58
N ALA C 60 -14.83 14.15 15.32
CA ALA C 60 -16.17 13.64 15.52
C ALA C 60 -16.99 13.69 14.24
N ARG C 61 -16.44 14.32 13.19
CA ARG C 61 -17.12 14.37 11.91
C ARG C 61 -17.05 13.03 11.19
N PHE C 62 -16.23 12.12 11.72
CA PHE C 62 -16.11 10.78 11.16
C PHE C 62 -16.97 9.78 11.91
N SER C 63 -17.68 8.93 11.16
CA SER C 63 -18.49 7.88 11.73
C SER C 63 -18.62 6.70 10.78
N GLY C 64 -18.82 5.52 11.34
CA GLY C 64 -19.02 4.33 10.52
C GLY C 64 -20.00 3.42 11.22
N SER C 65 -20.58 2.49 10.46
CA SER C 65 -21.62 1.63 11.01
C SER C 65 -21.91 0.44 10.11
N GLY C 66 -22.79 -0.42 10.59
CA GLY C 66 -23.14 -1.66 9.92
C GLY C 66 -22.58 -2.89 10.60
N SER C 67 -23.18 -4.03 10.30
CA SER C 67 -22.69 -5.33 10.72
C SER C 67 -23.15 -6.38 9.73
N GLY C 68 -22.53 -7.54 9.74
CA GLY C 68 -22.74 -8.50 8.67
C GLY C 68 -22.07 -8.04 7.38
N THR C 69 -22.86 -7.95 6.31
CA THR C 69 -22.29 -7.65 5.00
C THR C 69 -22.28 -6.18 4.55
N ASP C 70 -22.96 -5.28 5.25
CA ASP C 70 -23.09 -3.90 4.75
C ASP C 70 -22.58 -2.83 5.70
N PHE C 71 -21.59 -2.06 5.24
CA PHE C 71 -20.99 -1.01 6.06
C PHE C 71 -20.95 0.33 5.34
N THR C 72 -20.91 1.41 6.10
CA THR C 72 -20.79 2.75 5.54
C THR C 72 -19.90 3.64 6.40
N LEU C 73 -19.00 4.38 5.75
CA LEU C 73 -18.26 5.45 6.42
C LEU C 73 -18.87 6.77 6.01
N THR C 74 -19.06 7.66 6.98
CA THR C 74 -19.69 8.94 6.70
C THR C 74 -18.86 10.09 7.26
N ILE C 75 -18.62 11.09 6.42
CA ILE C 75 -17.96 12.31 6.85
C ILE C 75 -18.95 13.46 6.84
N SER C 76 -19.30 13.94 8.03
CA SER C 76 -20.33 14.97 8.23
C SER C 76 -20.14 16.21 7.36
N SER C 77 -19.04 16.91 7.59
CA SER C 77 -18.69 18.06 6.78
C SER C 77 -17.27 17.87 6.28
N LEU C 78 -17.10 17.79 4.95
CA LEU C 78 -15.78 17.53 4.41
C LEU C 78 -14.81 18.66 4.72
N GLU C 79 -13.72 18.30 5.40
CA GLU C 79 -12.63 19.21 5.69
C GLU C 79 -11.63 19.09 4.55
N PRO C 80 -10.93 20.19 4.22
CA PRO C 80 -9.91 20.15 3.16
C PRO C 80 -8.89 19.02 3.37
N GLU C 81 -8.65 18.66 4.62
CA GLU C 81 -7.66 17.64 4.98
C GLU C 81 -8.27 16.24 4.99
N ASP C 82 -9.53 16.13 4.59
CA ASP C 82 -10.22 14.84 4.52
C ASP C 82 -10.13 14.19 3.14
N PHE C 83 -9.61 14.90 2.16
CA PHE C 83 -9.59 14.35 0.80
C PHE C 83 -8.40 13.41 0.61
N ALA C 84 -8.73 12.15 0.32
CA ALA C 84 -7.76 11.06 0.17
C ALA C 84 -8.51 9.78 -0.14
N VAL C 85 -7.79 8.69 -0.39
CA VAL C 85 -8.44 7.39 -0.55
C VAL C 85 -8.85 6.85 0.81
N TYR C 86 -9.94 6.10 0.84
CA TYR C 86 -10.37 5.48 2.09
C TYR C 86 -10.55 4.00 1.90
N TYR C 87 -9.69 3.23 2.55
CA TYR C 87 -9.77 1.78 2.48
C TYR C 87 -10.59 1.23 3.63
N CYS C 88 -10.79 -0.09 3.63
CA CYS C 88 -11.49 -0.77 4.71
C CYS C 88 -10.96 -2.19 4.83
N GLN C 89 -11.09 -2.77 6.03
CA GLN C 89 -10.43 -4.03 6.33
C GLN C 89 -11.31 -4.91 7.21
N GLN C 90 -11.43 -6.18 6.87
CA GLN C 90 -12.25 -7.10 7.66
C GLN C 90 -11.39 -8.08 8.46
N ARG C 91 -11.67 -8.19 9.75
CA ARG C 91 -10.92 -9.08 10.63
C ARG C 91 -11.60 -10.41 11.04
N SER C 92 -12.78 -10.70 10.52
CA SER C 92 -13.50 -11.94 10.88
C SER C 92 -12.79 -13.20 10.41
N ASN C 93 -11.93 -13.04 9.40
CA ASN C 93 -11.04 -14.08 8.92
C ASN C 93 -9.75 -13.39 8.48
N TRP C 94 -8.89 -14.11 7.75
CA TRP C 94 -7.64 -13.52 7.27
C TRP C 94 -7.93 -12.21 6.58
N PRO C 95 -7.26 -11.14 7.04
CA PRO C 95 -7.66 -9.78 6.67
C PRO C 95 -7.57 -9.52 5.17
N THR C 96 -8.64 -8.95 4.64
CA THR C 96 -8.67 -8.54 3.25
C THR C 96 -9.10 -7.09 3.20
N PHE C 97 -8.54 -6.33 2.24
CA PHE C 97 -8.93 -4.94 2.10
C PHE C 97 -9.89 -4.75 0.94
N GLY C 98 -10.35 -3.52 0.76
CA GLY C 98 -11.17 -3.18 -0.38
C GLY C 98 -10.29 -2.54 -1.43
N GLN C 99 -10.90 -2.01 -2.48
CA GLN C 99 -10.14 -1.28 -3.49
C GLN C 99 -9.84 0.13 -2.98
N GLY C 100 -10.62 0.60 -2.01
CA GLY C 100 -10.48 1.95 -1.49
C GLY C 100 -11.30 2.93 -2.31
N THR C 101 -11.76 3.99 -1.67
CA THR C 101 -12.53 5.02 -2.36
C THR C 101 -11.80 6.35 -2.29
N LYS C 102 -11.48 6.92 -3.46
CA LYS C 102 -10.78 8.20 -3.51
C LYS C 102 -11.73 9.37 -3.54
N VAL C 103 -11.60 10.26 -2.56
CA VAL C 103 -12.44 11.44 -2.50
C VAL C 103 -11.73 12.64 -3.13
N GLU C 104 -12.34 13.19 -4.17
CA GLU C 104 -11.77 14.33 -4.87
C GLU C 104 -12.48 15.61 -4.48
N ILE C 105 -11.72 16.71 -4.37
CA ILE C 105 -12.33 18.01 -4.11
C ILE C 105 -13.09 18.48 -5.35
N LYS C 106 -14.37 18.77 -5.20
CA LYS C 106 -15.18 19.25 -6.32
C LYS C 106 -15.25 20.77 -6.34
N ARG C 107 -14.92 21.36 -7.48
CA ARG C 107 -14.94 22.80 -7.65
C ARG C 107 -15.60 23.20 -8.96
N THR C 108 -15.71 24.52 -9.19
CA THR C 108 -16.26 25.04 -10.43
C THR C 108 -15.36 24.67 -11.61
N VAL C 109 -15.95 24.54 -12.80
CA VAL C 109 -15.22 24.22 -14.02
C VAL C 109 -14.14 25.25 -14.32
N ALA C 110 -12.95 24.81 -14.70
CA ALA C 110 -11.88 25.71 -15.08
C ALA C 110 -11.19 25.23 -16.35
N ALA C 111 -11.24 26.05 -17.39
CA ALA C 111 -10.59 25.68 -18.65
C ALA C 111 -9.07 25.69 -18.50
N PRO C 112 -8.38 24.74 -19.15
CA PRO C 112 -6.93 24.70 -19.09
C PRO C 112 -6.29 25.81 -19.93
N SER C 113 -5.14 26.30 -19.49
CA SER C 113 -4.36 27.22 -20.30
C SER C 113 -3.33 26.41 -21.08
N VAL C 114 -3.54 26.30 -22.38
CA VAL C 114 -2.74 25.40 -23.21
C VAL C 114 -1.47 26.08 -23.71
N PHE C 115 -0.36 25.35 -23.66
CA PHE C 115 0.89 25.83 -24.22
C PHE C 115 1.46 24.77 -25.15
N ILE C 116 2.56 25.08 -25.82
CA ILE C 116 3.29 24.06 -26.55
C ILE C 116 4.78 24.41 -26.59
N PHE C 117 5.61 23.40 -26.37
CA PHE C 117 7.06 23.56 -26.38
C PHE C 117 7.73 22.67 -27.43
N PRO C 118 8.38 23.29 -28.44
CA PRO C 118 9.15 22.54 -29.43
C PRO C 118 10.34 21.87 -28.74
N PRO C 119 10.86 20.78 -29.31
CA PRO C 119 12.08 20.21 -28.71
C PRO C 119 13.16 21.24 -28.86
N SER C 120 13.77 21.61 -27.76
CA SER C 120 14.72 22.68 -27.86
C SER C 120 16.02 22.10 -28.41
N ASP C 121 16.87 22.96 -28.97
CA ASP C 121 18.09 22.57 -29.67
C ASP C 121 18.93 21.50 -28.95
N GLU C 122 18.97 21.56 -27.63
CA GLU C 122 19.73 20.63 -26.81
C GLU C 122 19.49 19.14 -27.19
N GLN C 123 18.22 18.76 -27.32
CA GLN C 123 17.81 17.36 -27.38
C GLN C 123 17.98 16.87 -28.79
N LEU C 124 17.83 17.82 -29.70
CA LEU C 124 17.80 17.57 -31.11
C LEU C 124 19.18 17.17 -31.63
N LYS C 125 20.23 17.61 -30.95
CA LYS C 125 21.56 17.21 -31.37
C LYS C 125 21.93 15.87 -30.71
N SER C 126 21.03 15.37 -29.87
CA SER C 126 21.14 13.99 -29.38
C SER C 126 20.35 13.05 -30.30
N GLY C 127 19.69 13.62 -31.29
CA GLY C 127 18.94 12.83 -32.27
C GLY C 127 17.52 12.53 -31.86
N THR C 128 17.05 13.18 -30.80
CA THR C 128 15.70 12.96 -30.30
C THR C 128 14.94 14.27 -30.20
N ALA C 129 13.67 14.25 -30.59
CA ALA C 129 12.83 15.44 -30.51
C ALA C 129 11.60 15.18 -29.65
N SER C 130 11.47 15.91 -28.54
CA SER C 130 10.26 15.83 -27.74
C SER C 130 9.47 17.12 -27.77
N VAL C 131 8.33 17.08 -28.43
CA VAL C 131 7.41 18.20 -28.45
C VAL C 131 6.40 18.04 -27.33
N VAL C 132 6.25 19.07 -26.50
CA VAL C 132 5.41 18.98 -25.33
C VAL C 132 4.17 19.86 -25.41
N CYS C 133 3.04 19.32 -24.99
CA CYS C 133 1.82 20.10 -24.83
C CYS C 133 1.43 20.14 -23.36
N LEU C 134 1.21 21.34 -22.84
CA LEU C 134 0.84 21.51 -21.44
C LEU C 134 -0.61 21.95 -21.28
N LEU C 135 -1.31 21.34 -20.35
CA LEU C 135 -2.62 21.84 -19.92
C LEU C 135 -2.46 22.29 -18.48
N ASN C 136 -2.95 23.48 -18.16
CA ASN C 136 -2.64 24.04 -16.85
C ASN C 136 -3.85 24.58 -16.11
N ASN C 137 -3.91 24.28 -14.81
CA ASN C 137 -4.94 24.79 -13.92
C ASN C 137 -6.36 24.53 -14.40
N PHE C 138 -6.67 23.27 -14.70
CA PHE C 138 -8.01 22.95 -15.17
C PHE C 138 -8.76 21.99 -14.26
N TYR C 139 -10.09 22.10 -14.27
CA TYR C 139 -10.97 21.17 -13.60
C TYR C 139 -12.22 20.99 -14.43
N PRO C 140 -12.77 19.76 -14.49
CA PRO C 140 -12.31 18.53 -13.85
C PRO C 140 -11.12 17.88 -14.56
N ARG C 141 -10.74 16.69 -14.10
CA ARG C 141 -9.56 15.99 -14.57
C ARG C 141 -9.68 15.54 -16.03
N GLU C 142 -10.90 15.21 -16.45
CA GLU C 142 -11.14 14.73 -17.80
C GLU C 142 -10.70 15.75 -18.85
N ALA C 143 -9.82 15.32 -19.75
CA ALA C 143 -9.36 16.17 -20.85
C ALA C 143 -8.98 15.31 -22.05
N LYS C 144 -9.20 15.85 -23.25
CA LYS C 144 -8.88 15.14 -24.48
C LYS C 144 -7.78 15.89 -25.23
N VAL C 145 -6.61 15.27 -25.34
CA VAL C 145 -5.48 15.88 -26.03
C VAL C 145 -5.07 15.10 -27.26
N GLN C 146 -5.25 15.69 -28.42
CA GLN C 146 -4.89 15.06 -29.68
C GLN C 146 -3.61 15.67 -30.22
N TRP C 147 -2.79 14.86 -30.86
CA TRP C 147 -1.64 15.36 -31.60
C TRP C 147 -1.88 15.24 -33.09
N LYS C 148 -1.51 16.26 -33.85
CA LYS C 148 -1.54 16.15 -35.30
C LYS C 148 -0.35 16.88 -35.92
N VAL C 149 0.27 16.21 -36.89
CA VAL C 149 1.46 16.72 -37.55
C VAL C 149 1.18 16.92 -39.03
N ASP C 150 1.25 18.17 -39.48
CA ASP C 150 0.86 18.53 -40.84
C ASP C 150 -0.53 17.96 -41.12
N ASN C 151 -1.45 18.19 -40.18
CA ASN C 151 -2.85 17.82 -40.29
C ASN C 151 -3.08 16.32 -40.39
N ALA C 152 -2.21 15.53 -39.78
CA ALA C 152 -2.40 14.09 -39.70
C ALA C 152 -2.54 13.68 -38.25
N LEU C 153 -3.73 13.24 -37.88
CA LEU C 153 -4.02 12.87 -36.49
C LEU C 153 -2.98 11.84 -36.07
N GLN C 154 -2.25 12.15 -35.00
CA GLN C 154 -1.11 11.33 -34.64
C GLN C 154 -1.57 10.13 -33.82
N SER C 155 -1.08 8.95 -34.19
CA SER C 155 -1.69 7.71 -33.71
C SER C 155 -0.93 7.06 -32.55
N GLY C 156 -1.49 7.18 -31.35
CA GLY C 156 -1.10 6.44 -30.17
C GLY C 156 0.33 6.50 -29.66
N ASN C 157 1.13 7.43 -30.19
CA ASN C 157 2.56 7.50 -29.82
C ASN C 157 2.93 8.53 -28.73
N SER C 158 1.94 9.15 -28.10
CA SER C 158 2.19 10.21 -27.11
C SER C 158 2.03 9.72 -25.66
N GLN C 159 2.83 10.30 -24.75
CA GLN C 159 2.73 9.97 -23.32
C GLN C 159 2.12 11.08 -22.47
N GLU C 160 0.94 10.82 -21.94
CA GLU C 160 0.22 11.75 -21.06
C GLU C 160 0.75 11.72 -19.63
N SER C 161 0.66 12.84 -18.91
CA SER C 161 0.87 12.83 -17.47
C SER C 161 -0.05 13.81 -16.73
N VAL C 162 -0.77 13.32 -15.74
CA VAL C 162 -1.70 14.15 -14.97
C VAL C 162 -1.23 14.34 -13.54
N THR C 163 -1.11 15.60 -13.12
CA THR C 163 -0.70 15.90 -11.76
C THR C 163 -1.87 15.72 -10.79
N GLU C 164 -1.54 15.55 -9.52
CA GLU C 164 -2.56 15.45 -8.47
C GLU C 164 -3.20 16.82 -8.22
N GLN C 165 -4.41 16.82 -7.67
CA GLN C 165 -5.14 18.05 -7.38
C GLN C 165 -4.30 19.03 -6.59
N ASP C 166 -4.31 20.30 -7.00
CA ASP C 166 -3.42 21.27 -6.37
C ASP C 166 -3.80 21.52 -4.93
N SER C 167 -2.77 21.70 -4.10
CA SER C 167 -2.93 21.91 -2.67
C SER C 167 -3.80 23.11 -2.33
N LYS C 168 -3.79 24.13 -3.17
CA LYS C 168 -4.49 25.39 -2.86
C LYS C 168 -5.79 25.59 -3.64
N ASP C 169 -5.71 25.67 -4.96
CA ASP C 169 -6.88 25.93 -5.79
C ASP C 169 -7.54 24.67 -6.38
N SER C 170 -7.04 23.49 -6.04
CA SER C 170 -7.69 22.23 -6.39
C SER C 170 -7.85 22.02 -7.89
N THR C 171 -6.85 22.42 -8.67
CA THR C 171 -6.91 22.25 -10.12
C THR C 171 -5.89 21.22 -10.58
N TYR C 172 -6.19 20.56 -11.69
CA TYR C 172 -5.24 19.63 -12.27
C TYR C 172 -4.35 20.32 -13.29
N SER C 173 -3.40 19.56 -13.80
CA SER C 173 -2.54 19.99 -14.87
C SER C 173 -2.13 18.75 -15.65
N LEU C 174 -1.95 18.90 -16.96
CA LEU C 174 -1.63 17.74 -17.80
C LEU C 174 -0.48 18.07 -18.75
N SER C 175 0.43 17.11 -18.92
CA SER C 175 1.53 17.27 -19.87
C SER C 175 1.61 16.09 -20.84
N SER C 176 1.32 16.35 -22.11
CA SER C 176 1.43 15.31 -23.12
C SER C 176 2.71 15.50 -23.91
N THR C 177 3.49 14.43 -24.02
CA THR C 177 4.78 14.48 -24.68
C THR C 177 4.83 13.60 -25.91
N LEU C 178 5.22 14.18 -27.04
CA LEU C 178 5.43 13.42 -28.26
C LEU C 178 6.93 13.30 -28.51
N THR C 179 7.43 12.07 -28.58
CA THR C 179 8.86 11.85 -28.79
C THR C 179 9.12 11.23 -30.15
N LEU C 180 9.75 12.01 -31.02
CA LEU C 180 10.16 11.52 -32.33
C LEU C 180 11.67 11.58 -32.44
N SER C 181 12.19 11.15 -33.59
CA SER C 181 13.61 11.26 -33.86
C SER C 181 13.85 12.56 -34.62
N LYS C 182 15.02 13.18 -34.41
CA LYS C 182 15.39 14.38 -35.14
C LYS C 182 15.13 14.19 -36.64
N ALA C 183 15.37 12.98 -37.15
CA ALA C 183 15.04 12.63 -38.52
C ALA C 183 13.53 12.72 -38.79
N ASP C 184 12.75 11.99 -38.00
CA ASP C 184 11.30 11.96 -38.14
C ASP C 184 10.71 13.35 -37.93
N TYR C 185 11.30 14.10 -37.01
CA TYR C 185 10.85 15.45 -36.70
C TYR C 185 11.07 16.38 -37.90
N GLU C 186 12.27 16.37 -38.44
CA GLU C 186 12.68 17.29 -39.51
C GLU C 186 11.91 17.12 -40.83
N LYS C 187 11.25 15.99 -41.00
CA LYS C 187 10.54 15.75 -42.25
C LYS C 187 9.13 16.34 -42.25
N HIS C 188 8.77 17.00 -41.16
CA HIS C 188 7.49 17.69 -41.11
C HIS C 188 7.66 19.13 -40.69
N LYS C 189 6.57 19.89 -40.70
CA LYS C 189 6.63 21.31 -40.43
C LYS C 189 5.64 21.75 -39.35
N VAL C 190 4.36 21.57 -39.61
CA VAL C 190 3.33 22.04 -38.69
C VAL C 190 3.01 21.03 -37.57
N TYR C 191 3.25 21.46 -36.33
CA TYR C 191 3.04 20.63 -35.14
C TYR C 191 1.99 21.22 -34.20
N ALA C 192 0.85 20.57 -34.08
CA ALA C 192 -0.25 21.11 -33.29
C ALA C 192 -0.78 20.11 -32.27
N CYS C 193 -1.52 20.62 -31.30
CA CYS C 193 -2.22 19.77 -30.35
C CYS C 193 -3.61 20.33 -30.05
N GLU C 194 -4.63 19.49 -30.22
CA GLU C 194 -6.01 19.93 -30.02
C GLU C 194 -6.52 19.51 -28.63
N VAL C 195 -6.91 20.49 -27.83
CA VAL C 195 -7.34 20.24 -26.45
C VAL C 195 -8.85 20.39 -26.27
N THR C 196 -9.44 19.43 -25.57
CA THR C 196 -10.88 19.44 -25.32
C THR C 196 -11.18 19.42 -23.83
N HIS C 197 -11.98 20.39 -23.39
CA HIS C 197 -12.37 20.47 -22.00
C HIS C 197 -13.82 20.89 -21.90
N GLN C 198 -14.34 20.96 -20.68
CA GLN C 198 -15.69 21.45 -20.47
C GLN C 198 -15.73 22.98 -20.45
N GLY C 199 -14.75 23.58 -19.78
CA GLY C 199 -14.65 25.02 -19.70
C GLY C 199 -14.31 25.61 -21.06
N LEU C 200 -13.77 24.76 -21.92
CA LEU C 200 -13.49 25.14 -23.30
C LEU C 200 -14.69 24.80 -24.16
N SER C 201 -15.35 25.84 -24.66
CA SER C 201 -16.58 25.72 -25.42
C SER C 201 -16.27 25.52 -26.91
N SER C 202 -14.99 25.31 -27.20
CA SER C 202 -14.49 25.05 -28.53
C SER C 202 -13.03 24.66 -28.42
N PRO C 203 -12.64 23.59 -29.14
CA PRO C 203 -11.29 23.01 -28.95
C PRO C 203 -10.19 24.00 -29.31
N VAL C 204 -9.26 24.18 -28.37
CA VAL C 204 -8.15 25.11 -28.53
C VAL C 204 -6.98 24.38 -29.17
N THR C 205 -6.28 25.07 -30.05
CA THR C 205 -5.14 24.48 -30.74
C THR C 205 -3.91 25.34 -30.60
N LYS C 206 -2.89 24.80 -29.94
CA LYS C 206 -1.59 25.45 -29.89
C LYS C 206 -0.64 24.79 -30.88
N SER C 207 0.13 25.61 -31.60
CA SER C 207 1.04 25.07 -32.59
C SER C 207 2.21 25.99 -32.91
N PHE C 208 3.11 25.48 -33.74
CA PHE C 208 4.26 26.23 -34.23
C PHE C 208 4.72 25.64 -35.56
N ASN C 209 5.33 26.46 -36.40
CA ASN C 209 5.83 25.97 -37.68
C ASN C 209 7.34 25.76 -37.63
N ARG C 210 7.75 24.51 -37.70
CA ARG C 210 9.16 24.17 -37.64
C ARG C 210 9.88 24.67 -38.89
#